data_8Q37
#
_entry.id   8Q37
#
_cell.length_a   39.950
_cell.length_b   103.550
_cell.length_c   42.230
_cell.angle_alpha   90.000
_cell.angle_beta   104.730
_cell.angle_gamma   90.000
#
_symmetry.space_group_name_H-M   'P 1 21 1'
#
loop_
_entity.id
_entity.type
_entity.pdbx_description
1 polymer 'YTH domain-containing protein 1'
2 non-polymer 2-chloranyl-9-[(2-methoxyphenyl)methyl]-~{N}-methyl-purin-6-amine
3 non-polymer 'SULFATE ION'
4 water water
#
_entity_poly.entity_id   1
_entity_poly.type   'polypeptide(L)'
_entity_poly.pdbx_seq_one_letter_code
;GTSKLKYVLQDARFFLIKSNNHENVSLAKAKGVWSTLPVNEKKLNLAFRSARSVILIFSVRESGKFQGFARLSSESHHGG
SPIHWVLPAGMSAKMLGGVFKIDWICRRELPFTKSAHLTNPWNEHKPVKIGRDGQEIELECGTQLCLLFPPDESIDLYQV
IHKMRH
;
_entity_poly.pdbx_strand_id   A,B
#
loop_
_chem_comp.id
_chem_comp.type
_chem_comp.name
_chem_comp.formula
IWF non-polymer 2-chloranyl-9-[(2-methoxyphenyl)methyl]-~{N}-methyl-purin-6-amine 'C14 H14 Cl N5 O'
SO4 non-polymer 'SULFATE ION' 'O4 S -2'
#
# COMPACT_ATOMS: atom_id res chain seq x y z
N GLY A 1 3.70 5.97 0.92
CA GLY A 1 4.83 5.67 0.07
C GLY A 1 4.44 4.96 -1.21
N THR A 2 5.43 4.56 -2.00
CA THR A 2 5.19 3.87 -3.25
C THR A 2 5.77 2.45 -3.27
N SER A 3 6.32 1.98 -2.16
CA SER A 3 7.01 0.69 -2.13
C SER A 3 6.05 -0.47 -2.32
N LYS A 4 4.94 -0.48 -1.58
CA LYS A 4 3.98 -1.57 -1.76
C LYS A 4 3.38 -1.53 -3.16
N LEU A 5 3.13 -0.34 -3.70
CA LEU A 5 2.62 -0.23 -5.06
C LEU A 5 3.60 -0.84 -6.06
N LYS A 6 4.89 -0.53 -5.94
CA LYS A 6 5.89 -1.13 -6.81
C LYS A 6 5.91 -2.65 -6.68
N TYR A 7 5.68 -3.15 -5.46
CA TYR A 7 5.65 -4.59 -5.25
C TYR A 7 4.48 -5.22 -6.00
N VAL A 8 3.32 -4.58 -5.94
CA VAL A 8 2.13 -5.11 -6.62
C VAL A 8 2.34 -5.11 -8.13
N LEU A 9 3.03 -4.10 -8.65
CA LEU A 9 3.26 -3.97 -10.09
C LEU A 9 4.41 -4.83 -10.60
N GLN A 10 5.17 -5.45 -9.69
CA GLN A 10 6.30 -6.27 -10.10
C GLN A 10 5.83 -7.42 -10.99
N ASP A 11 6.42 -7.52 -12.19
CA ASP A 11 6.09 -8.57 -13.15
C ASP A 11 4.61 -8.64 -13.51
N ALA A 12 3.90 -7.51 -13.39
CA ALA A 12 2.49 -7.49 -13.72
C ALA A 12 2.30 -7.42 -15.23
N ARG A 13 1.08 -7.70 -15.66
CA ARG A 13 0.60 -7.37 -16.99
C ARG A 13 -0.43 -6.24 -16.91
N PHE A 14 -0.51 -5.44 -17.97
CA PHE A 14 -1.32 -4.23 -17.98
C PHE A 14 -2.19 -4.20 -19.22
N PHE A 15 -3.46 -3.81 -19.07
CA PHE A 15 -4.38 -3.69 -20.19
C PHE A 15 -5.13 -2.37 -20.08
N LEU A 16 -5.26 -1.69 -21.21
CA LEU A 16 -6.04 -0.47 -21.31
C LEU A 16 -7.52 -0.84 -21.45
N ILE A 17 -8.37 -0.26 -20.62
CA ILE A 17 -9.82 -0.44 -20.72
C ILE A 17 -10.41 0.88 -21.15
N LYS A 18 -11.20 0.87 -22.21
CA LYS A 18 -11.83 2.08 -22.74
C LYS A 18 -13.33 1.91 -22.52
N SER A 19 -13.91 2.78 -21.70
CA SER A 19 -15.34 2.74 -21.44
C SER A 19 -16.00 3.85 -22.23
N ASN A 20 -17.17 3.55 -22.79
CA ASN A 20 -17.92 4.54 -23.55
C ASN A 20 -18.55 5.60 -22.65
N ASN A 21 -18.68 5.36 -21.35
CA ASN A 21 -19.32 6.36 -20.49
C ASN A 21 -18.75 6.29 -19.08
N HIS A 22 -19.02 7.36 -18.32
CA HIS A 22 -18.55 7.47 -16.95
C HIS A 22 -19.35 6.59 -15.99
N GLU A 23 -20.64 6.39 -16.28
CA GLU A 23 -21.47 5.67 -15.32
C GLU A 23 -20.95 4.27 -15.08
N ASN A 24 -20.45 3.60 -16.12
CA ASN A 24 -19.99 2.23 -15.90
C ASN A 24 -18.70 2.20 -15.08
N VAL A 25 -17.83 3.19 -15.25
CA VAL A 25 -16.62 3.23 -14.42
C VAL A 25 -16.98 3.55 -12.97
N SER A 26 -17.96 4.44 -12.76
CA SER A 26 -18.40 4.71 -11.40
CA SER A 26 -18.41 4.72 -11.40
C SER A 26 -18.97 3.45 -10.74
N LEU A 27 -19.76 2.68 -11.50
CA LEU A 27 -20.30 1.46 -10.94
C LEU A 27 -19.19 0.45 -10.63
N ALA A 28 -18.16 0.40 -11.50
CA ALA A 28 -17.02 -0.48 -11.26
C ALA A 28 -16.27 -0.09 -10.00
N LYS A 29 -16.11 1.23 -9.76
CA LYS A 29 -15.47 1.71 -8.55
C LYS A 29 -16.29 1.40 -7.29
N ALA A 30 -17.62 1.40 -7.40
CA ALA A 30 -18.47 1.16 -6.24
C ALA A 30 -18.55 -0.31 -5.88
N LYS A 31 -18.60 -1.18 -6.90
CA LYS A 31 -18.92 -2.59 -6.71
C LYS A 31 -17.73 -3.51 -6.92
N GLY A 32 -16.61 -2.99 -7.43
CA GLY A 32 -15.43 -3.81 -7.61
C GLY A 32 -15.59 -4.87 -8.69
N VAL A 33 -16.21 -4.52 -9.82
CA VAL A 33 -16.46 -5.45 -10.91
C VAL A 33 -16.20 -4.75 -12.24
N TRP A 34 -15.89 -5.56 -13.27
CA TRP A 34 -15.81 -5.05 -14.63
C TRP A 34 -16.28 -6.13 -15.58
N SER A 35 -16.86 -5.70 -16.70
CA SER A 35 -17.22 -6.59 -17.78
C SER A 35 -16.76 -5.98 -19.09
N THR A 36 -16.34 -6.82 -20.04
CA THR A 36 -15.87 -6.38 -21.34
C THR A 36 -16.45 -7.30 -22.41
N LEU A 37 -16.18 -6.97 -23.67
CA LEU A 37 -16.62 -7.78 -24.80
C LEU A 37 -15.95 -9.15 -24.78
N PRO A 38 -16.57 -10.16 -25.42
CA PRO A 38 -15.99 -11.53 -25.37
C PRO A 38 -14.54 -11.65 -25.85
N VAL A 39 -14.12 -10.91 -26.87
CA VAL A 39 -12.73 -11.00 -27.33
C VAL A 39 -11.78 -10.61 -26.20
N ASN A 40 -12.07 -9.51 -25.51
CA ASN A 40 -11.20 -9.08 -24.42
C ASN A 40 -11.38 -9.94 -23.19
N GLU A 41 -12.59 -10.45 -22.96
CA GLU A 41 -12.81 -11.35 -21.84
C GLU A 41 -11.92 -12.58 -21.91
N LYS A 42 -11.77 -13.17 -23.11
CA LYS A 42 -10.87 -14.31 -23.26
C LYS A 42 -9.43 -13.93 -22.97
N LYS A 43 -8.98 -12.77 -23.47
CA LYS A 43 -7.59 -12.35 -23.24
C LYS A 43 -7.32 -12.16 -21.74
N LEU A 44 -8.25 -11.51 -21.03
CA LEU A 44 -8.03 -11.26 -19.61
C LEU A 44 -8.03 -12.55 -18.79
N ASN A 45 -8.88 -13.51 -19.16
CA ASN A 45 -8.87 -14.79 -18.46
C ASN A 45 -7.53 -15.50 -18.62
N LEU A 46 -6.98 -15.49 -19.84
CA LEU A 46 -5.65 -16.07 -20.06
C LEU A 46 -4.59 -15.35 -19.24
N ALA A 47 -4.64 -14.02 -19.23
CA ALA A 47 -3.63 -13.26 -18.51
C ALA A 47 -3.70 -13.49 -17.01
N PHE A 48 -4.92 -13.64 -16.48
CA PHE A 48 -5.08 -13.82 -15.04
C PHE A 48 -4.34 -15.06 -14.55
N ARG A 49 -4.34 -16.11 -15.36
CA ARG A 49 -3.64 -17.34 -14.99
C ARG A 49 -2.14 -17.23 -15.19
N SER A 50 -1.68 -16.26 -15.98
CA SER A 50 -0.29 -16.19 -16.43
C SER A 50 0.59 -15.27 -15.59
N ALA A 51 0.02 -14.42 -14.75
CA ALA A 51 0.77 -13.33 -14.16
C ALA A 51 0.38 -13.16 -12.71
N ARG A 52 1.35 -12.69 -11.90
CA ARG A 52 1.08 -12.45 -10.48
C ARG A 52 0.03 -11.35 -10.27
N SER A 53 -0.01 -10.36 -11.17
CA SER A 53 -0.99 -9.28 -11.12
C SER A 53 -1.36 -8.93 -12.56
N VAL A 54 -2.66 -8.78 -12.82
CA VAL A 54 -3.16 -8.21 -14.06
C VAL A 54 -3.83 -6.90 -13.72
N ILE A 55 -3.36 -5.81 -14.32
CA ILE A 55 -3.78 -4.46 -13.98
C ILE A 55 -4.61 -3.92 -15.14
N LEU A 56 -5.80 -3.42 -14.86
CA LEU A 56 -6.65 -2.73 -15.81
C LEU A 56 -6.51 -1.23 -15.55
N ILE A 57 -6.21 -0.46 -16.59
CA ILE A 57 -6.08 0.99 -16.53
C ILE A 57 -7.23 1.58 -17.31
N PHE A 58 -8.10 2.35 -16.64
CA PHE A 58 -9.39 2.75 -17.20
C PHE A 58 -9.32 4.13 -17.81
N SER A 59 -9.98 4.30 -18.96
CA SER A 59 -10.14 5.62 -19.56
C SER A 59 -11.53 5.72 -20.20
N VAL A 60 -12.28 6.75 -19.80
CA VAL A 60 -13.59 7.01 -20.38
C VAL A 60 -13.40 7.77 -21.68
N ARG A 61 -13.99 7.27 -22.77
CA ARG A 61 -13.84 7.90 -24.07
C ARG A 61 -14.26 9.37 -24.01
N GLU A 62 -13.46 10.22 -24.65
CA GLU A 62 -13.62 11.67 -24.75
C GLU A 62 -13.30 12.42 -23.46
N SER A 63 -12.91 11.72 -22.39
CA SER A 63 -12.64 12.43 -21.14
C SER A 63 -11.27 13.08 -21.13
N GLY A 64 -10.34 12.64 -22.00
CA GLY A 64 -8.98 13.13 -21.95
C GLY A 64 -8.18 12.69 -20.75
N LYS A 65 -8.65 11.67 -20.03
CA LYS A 65 -8.01 11.26 -18.78
C LYS A 65 -8.13 9.76 -18.61
N PHE A 66 -7.26 9.21 -17.78
CA PHE A 66 -7.49 7.92 -17.15
C PHE A 66 -8.21 8.15 -15.83
N GLN A 67 -9.10 7.23 -15.45
CA GLN A 67 -9.87 7.37 -14.21
C GLN A 67 -9.36 6.51 -13.06
N GLY A 68 -8.32 5.72 -13.27
CA GLY A 68 -7.77 4.93 -12.18
C GLY A 68 -7.29 3.60 -12.69
N PHE A 69 -6.83 2.73 -11.79
CA PHE A 69 -6.42 1.40 -12.17
C PHE A 69 -6.71 0.42 -11.04
N ALA A 70 -6.84 -0.87 -11.42
CA ALA A 70 -7.31 -1.91 -10.53
C ALA A 70 -6.64 -3.21 -10.92
N ARG A 71 -6.61 -4.15 -10.00
CA ARG A 71 -6.05 -5.47 -10.23
C ARG A 71 -7.16 -6.52 -10.29
N LEU A 72 -7.13 -7.36 -11.32
CA LEU A 72 -8.04 -8.51 -11.35
C LEU A 72 -7.86 -9.37 -10.12
N SER A 73 -8.96 -9.73 -9.48
CA SER A 73 -8.91 -10.69 -8.40
C SER A 73 -9.55 -12.03 -8.76
N SER A 74 -10.12 -12.14 -9.95
CA SER A 74 -10.75 -13.38 -10.41
C SER A 74 -10.81 -13.41 -11.94
N GLU A 75 -11.00 -14.62 -12.47
CA GLU A 75 -11.46 -14.77 -13.85
C GLU A 75 -12.92 -14.36 -13.94
N SER A 76 -13.44 -14.28 -15.17
CA SER A 76 -14.83 -13.88 -15.33
C SER A 76 -15.77 -14.98 -14.88
N HIS A 77 -16.92 -14.57 -14.35
CA HIS A 77 -17.92 -15.52 -13.85
C HIS A 77 -19.31 -15.02 -14.22
N HIS A 78 -20.20 -15.95 -14.54
CA HIS A 78 -21.57 -15.64 -14.92
C HIS A 78 -22.53 -16.10 -13.82
N GLY A 79 -23.70 -15.50 -13.81
CA GLY A 79 -24.77 -15.94 -12.94
C GLY A 79 -24.96 -15.15 -11.67
N GLY A 80 -24.43 -13.94 -11.58
CA GLY A 80 -24.74 -13.03 -10.49
C GLY A 80 -25.94 -12.17 -10.83
N SER A 81 -26.22 -11.22 -9.94
CA SER A 81 -27.29 -10.27 -10.22
C SER A 81 -26.87 -9.37 -11.37
N PRO A 82 -27.70 -9.24 -12.42
CA PRO A 82 -27.31 -8.43 -13.58
C PRO A 82 -26.84 -7.03 -13.21
N ILE A 83 -25.56 -6.75 -13.41
CA ILE A 83 -25.04 -5.41 -13.14
C ILE A 83 -25.70 -4.43 -14.12
N HIS A 84 -26.15 -3.29 -13.58
CA HIS A 84 -26.89 -2.29 -14.35
C HIS A 84 -25.95 -1.40 -15.17
N TRP A 85 -25.19 -2.04 -16.06
CA TRP A 85 -24.37 -1.28 -16.99
C TRP A 85 -25.27 -0.44 -17.91
N VAL A 86 -24.81 0.77 -18.23
CA VAL A 86 -25.42 1.57 -19.28
C VAL A 86 -24.83 1.12 -20.61
N LEU A 87 -25.67 0.68 -21.51
CA LEU A 87 -25.16 -0.01 -22.68
C LEU A 87 -25.01 0.98 -23.82
N PRO A 88 -23.88 0.98 -24.52
CA PRO A 88 -23.74 1.78 -25.74
C PRO A 88 -24.82 1.41 -26.77
N ALA A 89 -24.92 2.27 -27.79
CA ALA A 89 -25.88 2.02 -28.86
C ALA A 89 -25.44 0.81 -29.66
N GLY A 90 -26.37 -0.11 -29.90
CA GLY A 90 -26.05 -1.39 -30.51
C GLY A 90 -25.40 -2.38 -29.57
N MET A 91 -25.20 -2.01 -28.30
CA MET A 91 -24.56 -2.88 -27.32
C MET A 91 -25.63 -3.64 -26.54
N SER A 92 -25.47 -4.96 -26.45
CA SER A 92 -26.42 -5.82 -25.77
C SER A 92 -25.87 -6.24 -24.41
N ALA A 93 -26.77 -6.74 -23.56
CA ALA A 93 -26.38 -7.12 -22.20
C ALA A 93 -25.66 -8.46 -22.17
N LYS A 94 -25.96 -9.35 -23.10
CA LYS A 94 -25.28 -10.64 -23.15
C LYS A 94 -23.82 -10.47 -23.55
N MET A 95 -23.49 -9.41 -24.29
CA MET A 95 -22.11 -9.14 -24.65
C MET A 95 -21.27 -8.83 -23.41
N LEU A 96 -21.86 -8.13 -22.45
CA LEU A 96 -21.20 -7.80 -21.18
C LEU A 96 -21.52 -8.82 -20.09
N GLY A 97 -21.66 -10.09 -20.45
CA GLY A 97 -22.12 -11.10 -19.52
C GLY A 97 -21.12 -11.54 -18.47
N GLY A 98 -19.85 -11.70 -18.84
CA GLY A 98 -18.85 -12.15 -17.88
C GLY A 98 -18.44 -11.02 -16.95
N VAL A 99 -18.39 -11.31 -15.66
CA VAL A 99 -18.09 -10.33 -14.62
C VAL A 99 -16.77 -10.72 -13.95
N PHE A 100 -15.78 -9.82 -14.01
CA PHE A 100 -14.54 -10.00 -13.27
C PHE A 100 -14.63 -9.24 -11.96
N LYS A 101 -14.08 -9.82 -10.89
CA LYS A 101 -13.88 -9.07 -9.67
C LYS A 101 -12.53 -8.34 -9.73
N ILE A 102 -12.52 -7.10 -9.25
CA ILE A 102 -11.33 -6.25 -9.27
C ILE A 102 -11.15 -5.57 -7.92
N ASP A 103 -9.89 -5.34 -7.53
CA ASP A 103 -9.52 -4.49 -6.39
C ASP A 103 -8.88 -3.22 -6.90
N TRP A 104 -9.45 -2.09 -6.56
CA TRP A 104 -8.92 -0.83 -7.01
C TRP A 104 -7.58 -0.55 -6.33
N ILE A 105 -6.63 -0.04 -7.10
CA ILE A 105 -5.34 0.36 -6.56
C ILE A 105 -5.30 1.88 -6.49
N CYS A 106 -5.95 2.55 -7.45
CA CYS A 106 -6.00 4.01 -7.48
C CYS A 106 -7.34 4.41 -8.09
N ARG A 107 -8.13 5.23 -7.39
CA ARG A 107 -9.38 5.72 -7.95
C ARG A 107 -9.29 7.17 -8.40
N ARG A 108 -8.08 7.73 -8.43
CA ARG A 108 -7.82 9.10 -8.83
C ARG A 108 -7.58 9.18 -10.33
N GLU A 109 -7.83 10.35 -10.89
CA GLU A 109 -7.66 10.59 -12.32
C GLU A 109 -6.23 10.97 -12.66
N LEU A 110 -5.86 10.73 -13.91
CA LEU A 110 -4.61 11.22 -14.49
C LEU A 110 -4.87 11.78 -15.89
N PRO A 111 -4.66 13.07 -16.13
CA PRO A 111 -4.86 13.61 -17.48
C PRO A 111 -3.85 13.06 -18.49
N PHE A 112 -4.32 12.87 -19.72
CA PHE A 112 -3.46 12.39 -20.79
C PHE A 112 -2.23 13.28 -20.98
N THR A 113 -2.35 14.57 -20.69
CA THR A 113 -1.20 15.46 -20.83
C THR A 113 -0.01 15.02 -19.96
N LYS A 114 -0.25 14.31 -18.87
CA LYS A 114 0.84 13.87 -18.00
C LYS A 114 1.52 12.59 -18.47
N SER A 115 0.93 11.86 -19.41
CA SER A 115 1.51 10.62 -19.89
C SER A 115 2.09 10.74 -21.28
N ALA A 116 2.25 11.96 -21.79
CA ALA A 116 2.66 12.17 -23.17
C ALA A 116 4.07 11.68 -23.46
N HIS A 117 4.89 11.46 -22.43
CA HIS A 117 6.24 10.94 -22.61
C HIS A 117 6.31 9.41 -22.58
N LEU A 118 5.18 8.70 -22.48
CA LEU A 118 5.19 7.25 -22.39
C LEU A 118 4.59 6.67 -23.67
N THR A 119 5.34 5.81 -24.35
CA THR A 119 4.87 5.12 -25.54
C THR A 119 4.80 3.63 -25.26
N ASN A 120 3.90 2.95 -25.97
CA ASN A 120 3.61 1.54 -25.77
C ASN A 120 4.19 0.72 -26.91
N PRO A 121 5.25 -0.06 -26.68
CA PRO A 121 5.79 -0.92 -27.75
C PRO A 121 4.77 -1.86 -28.38
N TRP A 122 3.73 -2.27 -27.64
CA TRP A 122 2.77 -3.20 -28.23
C TRP A 122 1.71 -2.51 -29.07
N ASN A 123 1.75 -1.17 -29.17
CA ASN A 123 0.90 -0.42 -30.08
C ASN A 123 1.75 0.55 -30.90
N GLU A 124 2.79 0.01 -31.54
CA GLU A 124 3.59 0.76 -32.51
C GLU A 124 4.26 1.99 -31.90
N HIS A 125 4.51 1.96 -30.58
CA HIS A 125 5.14 3.08 -29.87
C HIS A 125 4.31 4.35 -29.97
N LYS A 126 3.01 4.22 -30.15
CA LYS A 126 2.12 5.34 -29.98
C LYS A 126 2.02 5.72 -28.51
N PRO A 127 1.67 6.97 -28.22
CA PRO A 127 1.45 7.36 -26.82
C PRO A 127 0.47 6.42 -26.15
N VAL A 128 0.76 6.10 -24.88
CA VAL A 128 0.03 5.04 -24.19
C VAL A 128 -1.46 5.33 -24.09
N LYS A 129 -1.87 6.61 -24.12
CA LYS A 129 -3.29 6.94 -24.14
C LYS A 129 -4.00 6.38 -25.37
N ILE A 130 -3.26 6.11 -26.45
CA ILE A 130 -3.86 5.63 -27.69
C ILE A 130 -3.96 4.12 -27.65
N GLY A 131 -5.16 3.62 -27.91
CA GLY A 131 -5.35 2.18 -27.97
C GLY A 131 -6.81 1.82 -27.90
N ARG A 132 -7.16 0.67 -28.46
CA ARG A 132 -8.50 0.16 -28.34
C ARG A 132 -8.70 -0.49 -26.98
N ASP A 133 -9.97 -0.62 -26.60
CA ASP A 133 -10.33 -1.39 -25.41
C ASP A 133 -9.60 -2.74 -25.46
N GLY A 134 -8.89 -3.05 -24.39
CA GLY A 134 -8.19 -4.31 -24.28
C GLY A 134 -6.76 -4.31 -24.74
N GLN A 135 -6.25 -3.20 -25.27
CA GLN A 135 -4.86 -3.16 -25.72
C GLN A 135 -3.90 -3.45 -24.57
N GLU A 136 -3.02 -4.43 -24.74
CA GLU A 136 -1.99 -4.67 -23.73
C GLU A 136 -0.92 -3.58 -23.75
N ILE A 137 -0.47 -3.21 -22.56
CA ILE A 137 0.60 -2.23 -22.37
C ILE A 137 1.83 -2.96 -21.85
N GLU A 138 2.95 -2.84 -22.57
CA GLU A 138 4.20 -3.46 -22.14
C GLU A 138 4.59 -3.07 -20.71
N LEU A 139 5.28 -3.99 -20.02
CA LEU A 139 5.59 -3.89 -18.60
C LEU A 139 6.14 -2.54 -18.18
N GLU A 140 7.21 -2.08 -18.84
CA GLU A 140 7.89 -0.88 -18.38
C GLU A 140 7.01 0.35 -18.56
N CYS A 141 6.33 0.46 -19.69
CA CYS A 141 5.43 1.57 -19.94
C CYS A 141 4.26 1.54 -18.95
N GLY A 142 3.70 0.34 -18.72
CA GLY A 142 2.56 0.25 -17.81
C GLY A 142 2.94 0.57 -16.37
N THR A 143 4.13 0.12 -15.95
CA THR A 143 4.62 0.46 -14.62
C THR A 143 4.79 1.95 -14.47
N GLN A 144 5.41 2.60 -15.46
CA GLN A 144 5.63 4.04 -15.34
C GLN A 144 4.31 4.80 -15.37
N LEU A 145 3.36 4.34 -16.18
CA LEU A 145 2.05 4.99 -16.23
C LEU A 145 1.37 4.92 -14.87
N CYS A 146 1.37 3.74 -14.26
CA CYS A 146 0.73 3.60 -12.95
C CYS A 146 1.41 4.47 -11.90
N LEU A 147 2.73 4.60 -11.96
CA LEU A 147 3.43 5.43 -10.99
C LEU A 147 3.20 6.92 -11.18
N LEU A 148 2.65 7.34 -12.33
CA LEU A 148 2.31 8.75 -12.54
C LEU A 148 1.03 9.17 -11.83
N PHE A 149 0.13 8.24 -11.52
CA PHE A 149 -1.13 8.62 -10.91
C PHE A 149 -0.86 9.25 -9.53
N PRO A 150 -1.69 10.20 -9.11
CA PRO A 150 -1.59 10.69 -7.74
C PRO A 150 -1.78 9.54 -6.78
N PRO A 151 -1.10 9.57 -5.64
CA PRO A 151 -1.35 8.52 -4.64
C PRO A 151 -2.79 8.55 -4.15
N ASP A 152 -3.37 7.37 -3.98
CA ASP A 152 -4.71 7.21 -3.41
C ASP A 152 -4.55 6.73 -1.97
N GLU A 153 -4.56 7.68 -1.04
CA GLU A 153 -4.35 7.36 0.37
C GLU A 153 -5.55 6.72 1.03
N SER A 154 -6.68 6.56 0.33
CA SER A 154 -7.81 5.82 0.87
C SER A 154 -7.63 4.31 0.75
N ILE A 155 -6.64 3.84 -0.02
CA ILE A 155 -6.48 2.42 -0.30
C ILE A 155 -5.26 1.89 0.45
N ASP A 156 -5.42 0.72 1.07
CA ASP A 156 -4.35 0.02 1.77
C ASP A 156 -4.00 -1.20 0.93
N LEU A 157 -2.78 -1.24 0.38
CA LEU A 157 -2.40 -2.34 -0.51
C LEU A 157 -2.05 -3.64 0.22
N TYR A 158 -2.10 -3.63 1.56
CA TYR A 158 -1.77 -4.82 2.32
C TYR A 158 -2.67 -6.00 1.94
N GLN A 159 -3.98 -5.80 1.94
CA GLN A 159 -4.88 -6.73 1.28
C GLN A 159 -4.86 -6.32 -0.18
N VAL A 160 -4.59 -7.26 -1.06
CA VAL A 160 -4.04 -7.11 -2.43
C VAL A 160 -2.72 -7.87 -2.50
N ILE A 161 -1.74 -7.43 -1.71
CA ILE A 161 -0.49 -8.18 -1.65
C ILE A 161 -0.77 -9.60 -1.17
N HIS A 162 -1.76 -9.75 -0.29
CA HIS A 162 -2.11 -11.06 0.25
C HIS A 162 -2.86 -11.90 -0.80
N LYS A 163 -3.70 -11.25 -1.62
CA LYS A 163 -4.39 -11.97 -2.69
C LYS A 163 -3.38 -12.66 -3.62
N MET A 164 -2.27 -12.00 -3.90
CA MET A 164 -1.16 -12.59 -4.63
C MET A 164 -0.60 -13.77 -3.87
N GLY B 1 13.17 -18.62 24.77
CA GLY B 1 12.36 -17.75 25.61
C GLY B 1 11.54 -16.76 24.81
N THR B 2 11.18 -17.15 23.59
CA THR B 2 10.53 -16.26 22.66
C THR B 2 9.02 -16.48 22.53
N SER B 3 8.42 -17.37 23.34
CA SER B 3 7.01 -17.68 23.13
C SER B 3 6.13 -16.44 23.24
N LYS B 4 6.36 -15.62 24.26
CA LYS B 4 5.53 -14.44 24.46
C LYS B 4 5.66 -13.48 23.28
N LEU B 5 6.91 -13.17 22.90
CA LEU B 5 7.12 -12.19 21.83
C LEU B 5 6.57 -12.71 20.52
N LYS B 6 6.79 -14.00 20.23
CA LYS B 6 6.26 -14.57 18.99
C LYS B 6 4.75 -14.51 18.96
N TYR B 7 4.09 -14.68 20.11
CA TYR B 7 2.64 -14.52 20.19
C TYR B 7 2.22 -13.09 19.87
N VAL B 8 2.95 -12.10 20.39
CA VAL B 8 2.63 -10.70 20.11
C VAL B 8 2.76 -10.38 18.62
N LEU B 9 3.72 -11.03 17.94
CA LEU B 9 4.07 -10.74 16.56
C LEU B 9 3.33 -11.60 15.54
N GLN B 10 2.56 -12.60 15.98
CA GLN B 10 1.79 -13.36 15.01
C GLN B 10 0.79 -12.41 14.34
N ASP B 11 0.77 -12.42 13.02
CA ASP B 11 -0.16 -11.61 12.24
C ASP B 11 0.04 -10.10 12.40
N ALA B 12 1.22 -9.66 12.80
CA ALA B 12 1.48 -8.24 12.98
C ALA B 12 1.83 -7.57 11.64
N ARG B 13 1.63 -6.25 11.60
CA ARG B 13 2.20 -5.41 10.55
C ARG B 13 3.32 -4.58 11.16
N PHE B 14 4.33 -4.25 10.34
CA PHE B 14 5.56 -3.62 10.81
C PHE B 14 5.88 -2.40 9.96
N PHE B 15 6.25 -1.31 10.61
CA PHE B 15 6.59 -0.07 9.93
C PHE B 15 7.90 0.46 10.49
N LEU B 16 8.79 0.88 9.60
CA LEU B 16 9.99 1.59 9.99
C LEU B 16 9.65 3.02 10.31
N ILE B 17 10.19 3.52 11.42
CA ILE B 17 10.04 4.91 11.83
C ILE B 17 11.41 5.54 11.81
N LYS B 18 11.55 6.65 11.10
CA LYS B 18 12.81 7.36 10.99
C LYS B 18 12.63 8.72 11.64
N SER B 19 13.33 8.94 12.76
CA SER B 19 13.29 10.21 13.48
C SER B 19 14.48 11.05 13.07
N ASN B 20 14.23 12.36 12.92
CA ASN B 20 15.33 13.27 12.61
C ASN B 20 16.23 13.49 13.82
N ASN B 21 15.75 13.26 15.05
CA ASN B 21 16.58 13.55 16.21
C ASN B 21 16.42 12.43 17.25
N HIS B 22 17.40 12.37 18.16
CA HIS B 22 17.34 11.45 19.28
C HIS B 22 16.35 11.90 20.35
N GLU B 23 16.14 13.21 20.46
CA GLU B 23 15.38 13.74 21.59
C GLU B 23 13.94 13.22 21.56
N ASN B 24 13.32 13.20 20.37
CA ASN B 24 11.94 12.73 20.26
C ASN B 24 11.83 11.24 20.54
N VAL B 25 12.87 10.46 20.22
CA VAL B 25 12.83 9.05 20.57
C VAL B 25 12.96 8.87 22.08
N SER B 26 13.81 9.67 22.73
CA SER B 26 13.93 9.58 24.19
CA SER B 26 13.92 9.58 24.18
C SER B 26 12.62 9.98 24.86
N LEU B 27 11.99 11.04 24.37
CA LEU B 27 10.69 11.42 24.89
C LEU B 27 9.68 10.30 24.72
N ALA B 28 9.63 9.72 23.51
CA ALA B 28 8.66 8.67 23.18
C ALA B 28 8.88 7.41 24.02
N LYS B 29 10.14 7.09 24.29
CA LYS B 29 10.46 5.92 25.12
C LYS B 29 9.95 6.06 26.54
N ALA B 30 10.00 7.28 27.08
CA ALA B 30 9.63 7.47 28.48
C ALA B 30 8.11 7.59 28.62
N LYS B 31 7.45 8.26 27.67
CA LYS B 31 6.05 8.62 27.78
C LYS B 31 5.11 7.68 27.03
N GLY B 32 5.60 6.87 26.11
CA GLY B 32 4.73 5.93 25.40
C GLY B 32 3.83 6.56 24.38
N VAL B 33 4.36 7.50 23.60
CA VAL B 33 3.60 8.19 22.56
C VAL B 33 4.46 8.32 21.31
N TRP B 34 3.79 8.46 20.16
CA TRP B 34 4.47 8.82 18.93
C TRP B 34 3.54 9.63 18.04
N SER B 35 4.13 10.50 17.23
CA SER B 35 3.43 11.25 16.19
C SER B 35 4.27 11.22 14.93
N THR B 36 3.59 11.22 13.78
CA THR B 36 4.24 11.18 12.47
C THR B 36 3.51 12.14 11.52
N LEU B 37 4.00 12.25 10.28
CA LEU B 37 3.35 13.15 9.33
C LEU B 37 2.04 12.56 8.82
N PRO B 38 1.17 13.38 8.21
CA PRO B 38 -0.17 12.92 7.88
C PRO B 38 -0.26 11.71 6.97
N VAL B 39 0.63 11.55 5.99
CA VAL B 39 0.55 10.39 5.10
C VAL B 39 0.76 9.10 5.90
N ASN B 40 1.82 9.07 6.72
CA ASN B 40 2.05 7.91 7.58
C ASN B 40 1.01 7.78 8.66
N GLU B 41 0.51 8.91 9.19
CA GLU B 41 -0.54 8.82 10.20
C GLU B 41 -1.73 8.03 9.68
N LYS B 42 -2.15 8.32 8.44
CA LYS B 42 -3.27 7.61 7.83
C LYS B 42 -2.96 6.13 7.66
N LYS B 43 -1.76 5.82 7.16
CA LYS B 43 -1.35 4.42 6.99
C LYS B 43 -1.41 3.66 8.30
N LEU B 44 -0.93 4.27 9.39
CA LEU B 44 -0.90 3.55 10.66
C LEU B 44 -2.30 3.38 11.23
N ASN B 45 -3.18 4.37 11.03
CA ASN B 45 -4.54 4.22 11.50
C ASN B 45 -5.25 3.09 10.77
N LEU B 46 -5.05 2.99 9.45
CA LEU B 46 -5.64 1.90 8.71
C LEU B 46 -5.09 0.56 9.19
N ALA B 47 -3.78 0.49 9.44
CA ALA B 47 -3.18 -0.75 9.89
C ALA B 47 -3.68 -1.14 11.27
N PHE B 48 -3.89 -0.16 12.14
CA PHE B 48 -4.33 -0.48 13.51
C PHE B 48 -5.66 -1.23 13.52
N ARG B 49 -6.54 -0.95 12.57
CA ARG B 49 -7.81 -1.65 12.47
C ARG B 49 -7.74 -2.96 11.70
N SER B 50 -6.70 -3.17 10.89
CA SER B 50 -6.62 -4.37 10.07
C SER B 50 -5.80 -5.48 10.72
N ALA B 51 -4.97 -5.16 11.71
CA ALA B 51 -3.94 -6.06 12.18
C ALA B 51 -4.09 -6.27 13.68
N ARG B 52 -3.73 -7.47 14.13
CA ARG B 52 -3.80 -7.76 15.56
C ARG B 52 -2.76 -6.96 16.35
N SER B 53 -1.60 -6.68 15.74
CA SER B 53 -0.57 -5.83 16.31
C SER B 53 0.03 -5.00 15.19
N VAL B 54 0.27 -3.71 15.46
CA VAL B 54 1.06 -2.85 14.57
C VAL B 54 2.33 -2.47 15.31
N ILE B 55 3.47 -2.82 14.72
CA ILE B 55 4.77 -2.66 15.35
C ILE B 55 5.52 -1.53 14.64
N LEU B 56 6.04 -0.60 15.41
CA LEU B 56 6.89 0.49 14.93
C LEU B 56 8.32 0.16 15.32
N ILE B 57 9.23 0.13 14.35
CA ILE B 57 10.64 -0.15 14.58
C ILE B 57 11.39 1.15 14.33
N PHE B 58 12.05 1.67 15.36
CA PHE B 58 12.61 3.02 15.33
C PHE B 58 14.07 3.06 14.93
N SER B 59 14.41 4.02 14.07
CA SER B 59 15.80 4.30 13.74
C SER B 59 16.02 5.80 13.56
N VAL B 60 16.91 6.37 14.37
CA VAL B 60 17.23 7.79 14.27
C VAL B 60 18.16 7.99 13.08
N ARG B 61 17.89 9.03 12.29
CA ARG B 61 18.67 9.26 11.08
C ARG B 61 20.15 9.39 11.42
N GLU B 62 20.97 8.75 10.61
CA GLU B 62 22.43 8.78 10.69
C GLU B 62 23.00 8.09 11.92
N SER B 63 22.18 7.40 12.72
CA SER B 63 22.70 6.77 13.92
C SER B 63 23.36 5.41 13.66
N GLY B 64 23.10 4.79 12.52
CA GLY B 64 23.61 3.45 12.26
C GLY B 64 22.97 2.34 13.05
N LYS B 65 21.82 2.59 13.69
CA LYS B 65 21.22 1.61 14.58
C LYS B 65 19.71 1.77 14.57
N PHE B 66 19.04 0.73 15.05
CA PHE B 66 17.65 0.85 15.52
C PHE B 66 17.68 1.09 17.02
N GLN B 67 16.76 1.92 17.50
CA GLN B 67 16.69 2.26 18.91
C GLN B 67 15.66 1.45 19.71
N GLY B 68 14.87 0.61 19.06
CA GLY B 68 13.91 -0.23 19.74
C GLY B 68 12.67 -0.39 18.91
N PHE B 69 11.66 -1.04 19.50
CA PHE B 69 10.40 -1.21 18.79
C PHE B 69 9.25 -1.23 19.78
N ALA B 70 8.07 -0.90 19.29
CA ALA B 70 6.89 -0.67 20.11
C ALA B 70 5.63 -1.08 19.36
N ARG B 71 4.56 -1.34 20.11
CA ARG B 71 3.28 -1.72 19.54
C ARG B 71 2.27 -0.59 19.73
N LEU B 72 1.57 -0.20 18.66
CA LEU B 72 0.47 0.74 18.81
C LEU B 72 -0.61 0.20 19.75
N SER B 73 -1.03 1.03 20.69
CA SER B 73 -2.17 0.69 21.53
C SER B 73 -3.40 1.52 21.21
N SER B 74 -3.29 2.49 20.29
CA SER B 74 -4.41 3.31 19.88
C SER B 74 -4.19 3.81 18.46
N GLU B 75 -5.29 4.17 17.81
CA GLU B 75 -5.22 5.05 16.66
C GLU B 75 -4.75 6.42 17.11
N SER B 76 -4.42 7.27 16.15
CA SER B 76 -3.99 8.61 16.51
C SER B 76 -5.17 9.41 17.05
N HIS B 77 -4.88 10.30 17.99
CA HIS B 77 -5.95 11.10 18.58
C HIS B 77 -5.49 12.54 18.70
N HIS B 78 -6.40 13.46 18.44
CA HIS B 78 -6.11 14.89 18.47
C HIS B 78 -6.73 15.49 19.72
N GLY B 79 -6.10 16.54 20.24
CA GLY B 79 -6.69 17.32 21.30
C GLY B 79 -6.15 17.07 22.69
N GLY B 80 -5.34 16.03 22.89
CA GLY B 80 -4.66 15.85 24.15
C GLY B 80 -3.73 17.01 24.46
N SER B 81 -3.19 17.00 25.66
CA SER B 81 -2.23 18.03 26.05
C SER B 81 -1.02 17.94 25.12
N PRO B 82 -0.68 19.02 24.39
CA PRO B 82 0.41 18.96 23.41
C PRO B 82 1.63 18.19 23.89
N ILE B 83 2.03 17.16 23.15
CA ILE B 83 3.36 16.61 23.33
C ILE B 83 4.34 17.65 22.78
N HIS B 84 5.29 18.05 23.61
CA HIS B 84 6.24 19.08 23.22
C HIS B 84 7.45 18.45 22.52
N TRP B 85 7.15 17.88 21.34
CA TRP B 85 8.20 17.38 20.47
C TRP B 85 9.22 18.47 20.19
N VAL B 86 10.47 18.05 20.03
CA VAL B 86 11.52 18.92 19.48
C VAL B 86 11.35 18.90 17.97
N LEU B 87 11.07 20.06 17.40
CA LEU B 87 10.60 20.08 16.02
C LEU B 87 11.76 20.34 15.05
N PRO B 88 11.90 19.51 14.03
CA PRO B 88 12.88 19.81 12.98
C PRO B 88 12.51 21.09 12.24
N ALA B 89 13.51 21.69 11.61
CA ALA B 89 13.26 22.90 10.82
C ALA B 89 12.35 22.59 9.65
N GLY B 90 11.46 23.52 9.33
CA GLY B 90 10.44 23.25 8.34
C GLY B 90 9.33 22.37 8.82
N MET B 91 9.08 22.32 10.13
CA MET B 91 8.03 21.49 10.69
C MET B 91 7.45 22.19 11.90
N SER B 92 6.13 22.25 11.96
CA SER B 92 5.41 22.84 13.08
C SER B 92 4.60 21.75 13.79
N ALA B 93 4.09 22.11 14.97
CA ALA B 93 3.38 21.14 15.79
C ALA B 93 2.16 20.57 15.06
N LYS B 94 1.46 21.40 14.28
CA LYS B 94 0.27 20.94 13.59
C LYS B 94 0.58 19.86 12.56
N MET B 95 1.78 19.88 11.97
CA MET B 95 2.16 18.84 11.02
C MET B 95 2.23 17.47 11.65
N LEU B 96 2.42 17.41 12.96
CA LEU B 96 2.29 16.14 13.66
C LEU B 96 0.86 16.04 14.15
N GLY B 97 0.60 16.54 15.36
CA GLY B 97 -0.77 16.68 15.83
C GLY B 97 -1.42 15.42 16.37
N GLY B 98 -1.62 14.41 15.52
CA GLY B 98 -2.20 13.18 15.99
C GLY B 98 -1.20 12.42 16.85
N VAL B 99 -1.63 11.99 18.04
CA VAL B 99 -0.75 11.27 18.95
C VAL B 99 -1.23 9.83 19.05
N PHE B 100 -0.32 8.89 18.77
CA PHE B 100 -0.58 7.48 18.98
C PHE B 100 -0.05 7.09 20.36
N LYS B 101 -0.80 6.26 21.07
CA LYS B 101 -0.26 5.66 22.28
C LYS B 101 0.44 4.36 21.86
N ILE B 102 1.64 4.12 22.43
CA ILE B 102 2.45 2.97 22.07
C ILE B 102 2.97 2.32 23.34
N ASP B 103 3.13 1.01 23.28
CA ASP B 103 3.73 0.23 24.36
C ASP B 103 5.05 -0.31 23.84
N TRP B 104 6.15 0.10 24.48
CA TRP B 104 7.45 -0.34 24.05
C TRP B 104 7.65 -1.83 24.35
N ILE B 105 8.24 -2.54 23.41
CA ILE B 105 8.58 -3.94 23.58
C ILE B 105 10.06 -4.08 23.85
N CYS B 106 10.88 -3.22 23.22
CA CYS B 106 12.31 -3.23 23.49
C CYS B 106 12.79 -1.80 23.32
N ARG B 107 13.53 -1.30 24.31
CA ARG B 107 14.09 0.05 24.20
C ARG B 107 15.60 -0.01 24.05
N ARG B 108 16.15 -1.18 23.77
CA ARG B 108 17.59 -1.34 23.58
C ARG B 108 17.96 -1.26 22.11
N GLU B 109 19.21 -0.85 21.86
CA GLU B 109 19.68 -0.62 20.51
C GLU B 109 20.02 -1.92 19.79
N LEU B 110 19.85 -1.90 18.48
CA LEU B 110 20.32 -2.97 17.60
C LEU B 110 21.12 -2.32 16.49
N PRO B 111 22.43 -2.52 16.44
CA PRO B 111 23.20 -1.93 15.34
C PRO B 111 22.86 -2.58 14.01
N PHE B 112 22.92 -1.76 12.95
CA PHE B 112 22.64 -2.26 11.61
C PHE B 112 23.54 -3.44 11.26
N THR B 113 24.73 -3.52 11.85
CA THR B 113 25.63 -4.65 11.60
C THR B 113 24.99 -5.98 11.97
N LYS B 114 24.06 -6.00 12.92
CA LYS B 114 23.42 -7.24 13.32
C LYS B 114 22.22 -7.62 12.47
N SER B 115 21.74 -6.73 11.60
CA SER B 115 20.59 -7.02 10.75
C SER B 115 20.97 -7.11 9.27
N ALA B 116 22.26 -7.19 8.97
CA ALA B 116 22.74 -7.10 7.59
C ALA B 116 22.26 -8.25 6.71
N HIS B 117 21.88 -9.37 7.30
CA HIS B 117 21.41 -10.53 6.56
C HIS B 117 19.93 -10.47 6.23
N LEU B 118 19.18 -9.48 6.73
CA LEU B 118 17.74 -9.40 6.51
C LEU B 118 17.39 -8.36 5.44
N THR B 119 16.55 -8.78 4.48
CA THR B 119 16.09 -7.94 3.38
C THR B 119 14.57 -7.92 3.35
N ASN B 120 14.00 -6.78 2.96
CA ASN B 120 12.56 -6.56 2.97
C ASN B 120 12.00 -6.74 1.57
N PRO B 121 11.20 -7.78 1.32
CA PRO B 121 10.62 -7.95 -0.02
C PRO B 121 9.76 -6.79 -0.49
N TRP B 122 9.13 -6.05 0.44
CA TRP B 122 8.26 -4.94 0.08
C TRP B 122 9.03 -3.63 -0.11
N ASN B 123 10.36 -3.71 -0.11
CA ASN B 123 11.24 -2.61 -0.51
C ASN B 123 12.33 -3.15 -1.42
N GLU B 124 11.91 -3.86 -2.47
CA GLU B 124 12.81 -4.34 -3.54
C GLU B 124 13.92 -5.25 -3.02
N HIS B 125 13.65 -5.97 -1.91
CA HIS B 125 14.59 -6.94 -1.38
C HIS B 125 15.89 -6.28 -0.92
N LYS B 126 15.80 -4.97 -0.56
CA LYS B 126 16.92 -4.22 -0.01
C LYS B 126 17.09 -4.54 1.48
N PRO B 127 18.30 -4.43 2.02
CA PRO B 127 18.51 -4.64 3.46
C PRO B 127 17.55 -3.79 4.28
N VAL B 128 17.06 -4.39 5.37
CA VAL B 128 15.94 -3.81 6.13
C VAL B 128 16.32 -2.47 6.77
N LYS B 129 17.61 -2.20 6.98
CA LYS B 129 18.01 -0.89 7.46
C LYS B 129 17.69 0.22 6.46
N ILE B 130 17.53 -0.11 5.19
CA ILE B 130 17.24 0.88 4.14
C ILE B 130 15.75 1.12 4.07
N GLY B 131 15.35 2.38 4.21
CA GLY B 131 13.96 2.74 4.01
C GLY B 131 13.61 4.11 4.53
N ARG B 132 12.53 4.68 4.04
CA ARG B 132 12.01 5.99 4.41
C ARG B 132 11.11 5.84 5.64
N ASP B 133 10.88 6.95 6.33
CA ASP B 133 9.94 6.95 7.46
C ASP B 133 8.62 6.36 6.98
N GLY B 134 8.11 5.36 7.70
CA GLY B 134 6.85 4.75 7.35
C GLY B 134 6.93 3.55 6.44
N GLN B 135 8.13 3.17 6.00
CA GLN B 135 8.24 2.03 5.09
C GLN B 135 7.68 0.78 5.74
N GLU B 136 6.75 0.10 5.07
CA GLU B 136 6.20 -1.12 5.64
C GLU B 136 7.15 -2.28 5.39
N ILE B 137 7.30 -3.13 6.40
CA ILE B 137 8.19 -4.27 6.35
C ILE B 137 7.34 -5.53 6.32
N GLU B 138 7.62 -6.43 5.38
CA GLU B 138 6.88 -7.67 5.25
C GLU B 138 6.99 -8.50 6.53
N LEU B 139 5.96 -9.31 6.79
CA LEU B 139 5.77 -10.01 8.06
C LEU B 139 7.01 -10.79 8.50
N GLU B 140 7.54 -11.68 7.65
CA GLU B 140 8.62 -12.53 8.12
C GLU B 140 9.89 -11.73 8.37
N CYS B 141 10.20 -10.78 7.49
CA CYS B 141 11.33 -9.87 7.73
C CYS B 141 11.17 -9.10 9.03
N GLY B 142 9.98 -8.53 9.25
CA GLY B 142 9.79 -7.74 10.46
C GLY B 142 9.88 -8.59 11.71
N THR B 143 9.35 -9.82 11.64
CA THR B 143 9.41 -10.72 12.78
C THR B 143 10.86 -11.05 13.12
N GLN B 144 11.63 -11.43 12.10
CA GLN B 144 13.03 -11.78 12.36
C GLN B 144 13.83 -10.58 12.85
N LEU B 145 13.53 -9.38 12.33
CA LEU B 145 14.21 -8.18 12.82
C LEU B 145 13.94 -7.97 14.30
N CYS B 146 12.67 -8.04 14.70
CA CYS B 146 12.31 -7.87 16.11
C CYS B 146 12.97 -8.90 17.00
N LEU B 147 13.12 -10.13 16.50
CA LEU B 147 13.73 -11.18 17.32
C LEU B 147 15.22 -10.98 17.50
N LEU B 148 15.85 -10.12 16.69
CA LEU B 148 17.27 -9.84 16.85
C LEU B 148 17.58 -8.95 18.06
N PHE B 149 16.60 -8.16 18.53
CA PHE B 149 16.88 -7.24 19.61
C PHE B 149 17.19 -8.01 20.90
N PRO B 150 18.04 -7.47 21.77
CA PRO B 150 18.35 -8.16 23.04
C PRO B 150 17.18 -8.04 24.00
N PRO B 151 17.11 -8.90 25.01
CA PRO B 151 16.01 -8.79 25.98
C PRO B 151 16.12 -7.50 26.76
N ASP B 152 14.97 -6.88 27.02
CA ASP B 152 14.92 -5.63 27.76
C ASP B 152 14.32 -5.90 29.13
N GLU B 153 15.16 -5.82 30.17
CA GLU B 153 14.73 -6.11 31.52
C GLU B 153 13.85 -5.02 32.12
N SER B 154 13.71 -3.88 31.46
CA SER B 154 12.82 -2.83 31.93
C SER B 154 11.39 -3.02 31.46
N ILE B 155 11.14 -3.98 30.57
CA ILE B 155 9.85 -4.16 29.92
C ILE B 155 9.17 -5.41 30.44
N ASP B 156 7.86 -5.32 30.64
CA ASP B 156 7.00 -6.44 30.99
C ASP B 156 5.95 -6.56 29.88
N LEU B 157 5.95 -7.69 29.19
CA LEU B 157 4.99 -7.88 28.09
C LEU B 157 3.56 -8.13 28.56
N TYR B 158 3.32 -8.23 29.87
CA TYR B 158 2.02 -8.64 30.38
C TYR B 158 0.91 -7.70 29.92
N GLN B 159 1.14 -6.39 30.03
CA GLN B 159 0.10 -5.43 29.64
C GLN B 159 -0.23 -5.53 28.16
N VAL B 160 0.79 -5.68 27.31
CA VAL B 160 0.56 -5.82 25.87
C VAL B 160 -0.31 -7.04 25.59
N ILE B 161 0.06 -8.18 26.19
CA ILE B 161 -0.67 -9.42 25.92
C ILE B 161 -2.14 -9.31 26.34
N HIS B 162 -2.41 -8.59 27.42
CA HIS B 162 -3.80 -8.34 27.78
C HIS B 162 -4.49 -7.27 26.96
N LYS B 163 -3.73 -6.47 26.20
CA LYS B 163 -4.33 -5.51 25.28
C LYS B 163 -4.76 -6.15 23.96
N MET B 164 -4.31 -7.38 23.68
CA MET B 164 -4.62 -8.06 22.44
C MET B 164 -5.88 -8.91 22.62
C10 IWF C . -15.92 -0.02 -25.07
C15 IWF C . -16.88 -1.80 -28.52
C17 IWF C . -19.12 -1.11 -27.28
C02 IWF C . -18.99 0.76 -21.74
C04 IWF C . -18.15 -1.38 -20.88
C06 IWF C . -18.95 -2.35 -18.70
C07 IWF C . -17.17 -1.46 -22.06
C08 IWF C . -17.16 -0.49 -22.99
C11 IWF C . -16.76 -0.58 -26.20
C12 IWF C . -16.06 -1.23 -27.37
C16 IWF C . -18.41 -1.75 -28.48
C18 IWF C . -18.29 -0.53 -26.13
C19 IWF C . -15.68 -1.96 -23.55
N03 IWF C . -19.02 -0.27 -20.75
N05 IWF C . -18.14 -2.43 -19.91
N09 IWF C . -16.23 -0.80 -23.89
N20 IWF C . -16.26 -2.39 -22.41
N21 IWF C . -18.08 0.69 -22.87
CL01 IWF C . -20.07 2.16 -21.64
S SO4 D . 4.86 1.90 1.70
O1 SO4 D . 5.26 1.10 2.85
O2 SO4 D . 4.19 1.04 0.73
O3 SO4 D . 6.03 2.47 1.03
O4 SO4 D . 3.96 3.00 2.04
S SO4 E . -2.33 -6.68 -28.10
O1 SO4 E . -2.13 -8.13 -28.01
O2 SO4 E . -3.21 -6.39 -29.23
O3 SO4 E . -2.98 -6.22 -26.88
O4 SO4 E . -1.04 -6.03 -28.33
S SO4 F . -22.61 5.12 -27.36
O1 SO4 F . -22.08 4.35 -28.48
O2 SO4 F . -24.07 5.03 -27.36
O3 SO4 F . -22.10 4.60 -26.10
O4 SO4 F . -22.22 6.52 -27.50
S SO4 G . -19.14 -19.23 -14.91
O1 SO4 G . -19.45 -20.62 -15.23
O2 SO4 G . -20.39 -18.53 -14.63
O3 SO4 G . -18.27 -19.19 -13.73
O4 SO4 G . -18.46 -18.59 -16.04
C10 IWF H . 11.06 12.33 10.13
C15 IWF H . 10.37 15.20 7.39
C17 IWF H . 10.92 16.37 9.69
C02 IWF H . 11.29 13.80 14.36
C04 IWF H . 9.03 12.85 14.60
C06 IWF H . 7.71 13.00 16.70
C07 IWF H . 9.13 12.42 13.14
C08 IWF H . 10.23 12.70 12.41
C11 IWF H . 10.90 13.72 9.50
C12 IWF H . 10.54 13.84 8.04
C14 IWF H . 9.43 12.80 6.27
C16 IWF H . 10.56 16.48 8.22
C18 IWF H . 11.09 14.98 10.33
C19 IWF H . 8.85 11.63 11.15
N03 IWF H . 10.13 13.54 15.16
N05 IWF H . 7.83 12.57 15.32
N09 IWF H . 10.07 12.20 11.20
N20 IWF H . 8.25 11.76 12.36
N21 IWF H . 11.39 13.40 12.98
O13 IWF H . 10.37 12.67 7.30
CL01 IWF H . 12.69 14.65 15.01
S SO4 I . 21.21 -0.36 25.29
O1 SO4 I . 21.32 -1.78 25.05
O2 SO4 I . 20.22 -0.12 26.35
O3 SO4 I . 20.76 0.32 24.08
O4 SO4 I . 22.51 0.17 25.72
S SO4 J . 12.20 9.61 5.45
O1 SO4 J . 12.52 8.77 6.60
O2 SO4 J . 11.04 9.07 4.73
O3 SO4 J . 11.85 10.96 5.84
O4 SO4 J . 13.39 9.68 4.60
S SO4 K . 19.85 6.89 7.91
O1 SO4 K . 19.60 6.18 9.16
O2 SO4 K . 18.86 6.50 6.91
O3 SO4 K . 19.79 8.33 8.14
O4 SO4 K . 21.20 6.54 7.43
S SO4 L . -9.70 11.84 16.76
O1 SO4 L . -10.12 11.36 18.08
O2 SO4 L . -10.83 11.76 15.84
O3 SO4 L . -8.62 11.00 16.24
O4 SO4 L . -9.23 13.21 16.89
#